data_3F4H
#
_entry.id   3F4H
#
_cell.length_a   70.726
_cell.length_b   70.726
_cell.length_c   135.575
_cell.angle_alpha   90.00
_cell.angle_beta   90.00
_cell.angle_gamma   120.00
#
_symmetry.space_group_name_H-M   'P 31 2 1'
#
loop_
_entity.id
_entity.type
_entity.pdbx_description
1 polymer 'FMN riboswitch'
2 polymer 'FMN riboswitch'
3 non-polymer 'POTASSIUM ION'
4 non-polymer 'MAGNESIUM ION'
5 non-polymer 1-deoxy-1-[8-(dimethylamino)-7-methyl-2,4-dioxo-3,4-dihydrobenzo[g]pteridin-10(2H)-yl]-D-ribitol
6 water water
#
loop_
_entity_poly.entity_id
_entity_poly.type
_entity_poly.pdbx_seq_one_letter_code
_entity_poly.pdbx_strand_id
1 'polyribonucleotide' GGAUCUUCGGGGCAGGGUGAAAUUCCCGACCGGUGGUAUAGUCCACGAAAGCUU X
2 'polyribonucleotide' GCUUUGAUUUGGUGAAAUUCCAAAACCGACAGUAGAGUCUGGAUGAGAGAAGAUUC Y
#